data_8YLK
#
_entry.id   8YLK
#
_cell.length_a   62.942
_cell.length_b   62.942
_cell.length_c   77.568
_cell.angle_alpha   90.000
_cell.angle_beta   90.000
_cell.angle_gamma   120.000
#
_symmetry.space_group_name_H-M   'P 31 2 1'
#
loop_
_entity.id
_entity.type
_entity.pdbx_description
1 polymer 'MarR family transcriptional regulator'
2 non-polymer 'URIC ACID'
3 water water
#
_entity_poly.entity_id   1
_entity_poly.type   'polypeptide(L)'
_entity_poly.pdbx_seq_one_letter_code
;SAKDPMDRAAHAVEQWRSERPDLDPSSMIVLGRLQEAALVIARDRLNPLFARYGLQPGEFDVLATLRRSGAPYALTPTAL
YDAAMISSGSMTNRIDRLEKAGWVERRANPADGRGTLVALTSAGRALIDDAVVAHVDNQRRVLSALSAAEQRQLAKLLDK
LLQGQAAEG
;
_entity_poly.pdbx_strand_id   A
#
loop_
_chem_comp.id
_chem_comp.type
_chem_comp.name
_chem_comp.formula
URC non-polymer 'URIC ACID' 'C5 H4 N4 O3'
#
# COMPACT_ATOMS: atom_id res chain seq x y z
N MET A 6 11.18 14.48 20.95
CA MET A 6 11.81 13.45 20.12
C MET A 6 10.85 12.31 19.81
N ASP A 7 10.87 11.85 18.56
CA ASP A 7 10.06 10.71 18.16
C ASP A 7 10.74 9.42 18.62
N ARG A 8 10.11 8.28 18.27
CA ARG A 8 10.62 6.98 18.69
C ARG A 8 12.04 6.75 18.16
N ALA A 9 12.28 7.09 16.90
CA ALA A 9 13.55 6.77 16.28
C ALA A 9 14.69 7.63 16.85
N ALA A 10 14.44 8.92 17.05
CA ALA A 10 15.50 9.78 17.57
C ALA A 10 15.79 9.46 19.03
N HIS A 11 14.75 9.18 19.82
CA HIS A 11 14.95 8.78 21.20
C HIS A 11 15.73 7.48 21.28
N ALA A 12 15.43 6.53 20.39
CA ALA A 12 16.15 5.26 20.37
C ALA A 12 17.62 5.46 20.04
N VAL A 13 17.91 6.24 18.99
CA VAL A 13 19.30 6.51 18.62
C VAL A 13 20.01 7.24 19.74
N GLU A 14 19.31 8.16 20.41
CA GLU A 14 19.90 8.85 21.56
C GLU A 14 20.30 7.87 22.65
N GLN A 15 19.47 6.85 22.90
CA GLN A 15 19.80 5.89 23.94
C GLN A 15 20.97 5.01 23.54
N TRP A 16 21.06 4.65 22.26
CA TRP A 16 22.15 3.80 21.79
C TRP A 16 23.49 4.49 21.92
N ARG A 17 23.57 5.76 21.51
CA ARG A 17 24.82 6.50 21.63
C ARG A 17 25.30 6.55 23.08
N SER A 18 24.37 6.47 24.04
CA SER A 18 24.74 6.46 25.44
C SER A 18 25.15 5.06 25.91
N GLU A 19 24.44 4.02 25.45
CA GLU A 19 24.67 2.66 25.94
C GLU A 19 25.72 1.89 25.15
N ARG A 20 25.84 2.14 23.85
CA ARG A 20 26.81 1.46 22.98
C ARG A 20 27.55 2.48 22.15
N PRO A 21 28.44 3.27 22.77
CA PRO A 21 29.17 4.30 22.00
C PRO A 21 30.09 3.73 20.94
N ASP A 22 30.41 2.44 20.99
CA ASP A 22 31.18 1.81 19.92
C ASP A 22 30.39 1.67 18.63
N LEU A 23 29.09 1.95 18.65
CA LEU A 23 28.20 1.79 17.51
C LEU A 23 27.97 3.12 16.80
N ASP A 24 27.67 3.04 15.51
CA ASP A 24 27.22 4.17 14.70
C ASP A 24 25.76 3.95 14.35
N PRO A 25 24.82 4.41 15.20
CA PRO A 25 23.41 4.09 14.98
C PRO A 25 22.66 5.07 14.09
N SER A 26 23.40 5.84 13.29
CA SER A 26 22.77 6.91 12.51
C SER A 26 21.71 6.36 11.56
N SER A 27 21.95 5.19 10.97
CA SER A 27 21.03 4.63 9.99
C SER A 27 19.68 4.25 10.59
N MET A 28 19.58 4.17 11.92
CA MET A 28 18.33 3.74 12.55
C MET A 28 17.21 4.76 12.35
N ILE A 29 17.53 6.05 12.27
CA ILE A 29 16.50 7.08 12.23
C ILE A 29 15.67 6.96 10.96
N VAL A 30 16.34 6.94 9.80
CA VAL A 30 15.61 6.98 8.54
C VAL A 30 14.83 5.70 8.31
N LEU A 31 15.42 4.54 8.61
CA LEU A 31 14.71 3.28 8.41
C LEU A 31 13.66 3.02 9.49
N GLY A 32 13.91 3.50 10.71
CA GLY A 32 12.87 3.39 11.73
C GLY A 32 11.69 4.29 11.43
N ARG A 33 11.95 5.50 10.94
CA ARG A 33 10.86 6.37 10.54
C ARG A 33 10.17 5.88 9.28
N LEU A 34 10.90 5.23 8.38
CA LEU A 34 10.27 4.64 7.20
C LEU A 34 9.26 3.56 7.61
N GLN A 35 9.67 2.67 8.51
CA GLN A 35 8.80 1.57 8.88
C GLN A 35 7.62 2.05 9.73
N GLU A 36 7.88 2.97 10.66
CA GLU A 36 6.81 3.46 11.51
C GLU A 36 5.79 4.26 10.71
N ALA A 37 6.25 5.07 9.76
CA ALA A 37 5.31 5.83 8.93
C ALA A 37 4.46 4.91 8.08
N ALA A 38 5.08 3.90 7.46
CA ALA A 38 4.30 2.94 6.68
C ALA A 38 3.29 2.21 7.54
N LEU A 39 3.67 1.85 8.76
CA LEU A 39 2.77 1.10 9.64
C LEU A 39 1.62 1.99 10.13
N VAL A 40 1.93 3.20 10.58
CA VAL A 40 0.90 4.06 11.14
C VAL A 40 -0.09 4.50 10.06
N ILE A 41 0.42 4.85 8.88
CA ILE A 41 -0.46 5.29 7.80
C ILE A 41 -1.36 4.14 7.35
N ALA A 42 -0.79 2.95 7.17
CA ALA A 42 -1.61 1.78 6.81
C ALA A 42 -2.66 1.51 7.88
N ARG A 43 -2.24 1.50 9.15
CA ARG A 43 -3.13 1.05 10.22
C ARG A 43 -4.22 2.08 10.52
N ASP A 44 -3.83 3.35 10.64
CA ASP A 44 -4.72 4.39 11.13
C ASP A 44 -5.35 5.24 10.03
N ARG A 45 -4.89 5.13 8.77
CA ARG A 45 -5.40 5.98 7.71
C ARG A 45 -5.97 5.18 6.55
N LEU A 46 -5.16 4.34 5.90
CA LEU A 46 -5.58 3.70 4.65
C LEU A 46 -6.56 2.56 4.89
N ASN A 47 -6.20 1.62 5.77
CA ASN A 47 -6.96 0.40 5.96
C ASN A 47 -8.35 0.64 6.56
N PRO A 48 -8.55 1.59 7.48
CA PRO A 48 -9.94 1.88 7.91
C PRO A 48 -10.83 2.32 6.77
N LEU A 49 -10.30 3.10 5.83
CA LEU A 49 -11.08 3.47 4.66
C LEU A 49 -11.44 2.25 3.82
N PHE A 50 -10.44 1.40 3.53
CA PHE A 50 -10.74 0.15 2.83
C PHE A 50 -11.79 -0.65 3.60
N ALA A 51 -11.72 -0.62 4.93
CA ALA A 51 -12.65 -1.39 5.75
C ALA A 51 -14.08 -0.86 5.64
N ARG A 52 -14.25 0.45 5.45
CA ARG A 52 -15.59 0.98 5.23
C ARG A 52 -16.23 0.37 4.00
N TYR A 53 -15.42 -0.02 3.02
CA TYR A 53 -15.91 -0.65 1.79
C TYR A 53 -15.91 -2.17 1.87
N GLY A 54 -15.66 -2.72 3.05
CA GLY A 54 -15.59 -4.16 3.20
C GLY A 54 -14.34 -4.80 2.62
N LEU A 55 -13.28 -4.03 2.41
CA LEU A 55 -12.07 -4.52 1.77
C LEU A 55 -10.99 -4.76 2.82
N GLN A 56 -10.48 -5.99 2.87
CA GLN A 56 -9.42 -6.33 3.80
C GLN A 56 -8.09 -5.74 3.33
N PRO A 57 -7.07 -5.76 4.18
CA PRO A 57 -5.74 -5.30 3.75
C PRO A 57 -5.26 -6.08 2.54
N GLY A 58 -4.95 -5.35 1.46
CA GLY A 58 -4.45 -5.94 0.24
C GLY A 58 -5.50 -6.31 -0.77
N GLU A 59 -6.78 -6.38 -0.37
CA GLU A 59 -7.82 -6.69 -1.33
C GLU A 59 -8.11 -5.50 -2.24
N PHE A 60 -7.99 -4.28 -1.73
CA PHE A 60 -8.10 -3.09 -2.56
C PHE A 60 -7.12 -3.15 -3.74
N ASP A 61 -5.86 -3.52 -3.46
CA ASP A 61 -4.84 -3.56 -4.51
C ASP A 61 -5.27 -4.47 -5.65
N VAL A 62 -5.83 -5.65 -5.34
CA VAL A 62 -6.28 -6.56 -6.38
C VAL A 62 -7.34 -5.92 -7.24
N LEU A 63 -8.35 -5.30 -6.60
CA LEU A 63 -9.41 -4.65 -7.36
C LEU A 63 -8.88 -3.46 -8.14
N ALA A 64 -8.04 -2.65 -7.51
CA ALA A 64 -7.47 -1.49 -8.19
C ALA A 64 -6.61 -1.91 -9.37
N THR A 65 -5.82 -2.98 -9.21
CA THR A 65 -4.97 -3.44 -10.30
C THR A 65 -5.81 -3.93 -11.47
N LEU A 66 -6.86 -4.70 -11.20
CA LEU A 66 -7.75 -5.17 -12.26
C LEU A 66 -8.44 -4.01 -12.96
N ARG A 67 -8.92 -3.03 -12.20
CA ARG A 67 -9.65 -1.92 -12.79
C ARG A 67 -8.77 -1.12 -13.73
N ARG A 68 -7.60 -0.68 -13.25
CA ARG A 68 -6.78 0.18 -14.08
C ARG A 68 -6.07 -0.57 -15.20
N SER A 69 -6.25 -1.89 -15.31
CA SER A 69 -5.74 -2.58 -16.49
C SER A 69 -6.60 -2.34 -17.72
N GLY A 70 -7.84 -1.92 -17.55
CA GLY A 70 -8.73 -1.64 -18.65
C GLY A 70 -9.68 -2.79 -18.93
N ALA A 71 -10.78 -2.46 -19.60
CA ALA A 71 -11.76 -3.48 -19.95
C ALA A 71 -11.10 -4.59 -20.76
N PRO A 72 -11.51 -5.86 -20.56
CA PRO A 72 -12.59 -6.32 -19.67
C PRO A 72 -12.15 -6.54 -18.23
N TYR A 73 -11.08 -5.88 -17.80
CA TYR A 73 -10.63 -5.92 -16.41
C TYR A 73 -10.32 -7.35 -15.96
N ALA A 74 -9.53 -8.05 -16.78
CA ALA A 74 -9.20 -9.45 -16.54
C ALA A 74 -7.71 -9.66 -16.76
N LEU A 75 -7.03 -10.21 -15.74
CA LEU A 75 -5.59 -10.44 -15.78
C LEU A 75 -5.26 -11.84 -15.30
N THR A 76 -4.17 -12.40 -15.83
CA THR A 76 -3.63 -13.62 -15.25
C THR A 76 -3.14 -13.33 -13.83
N PRO A 77 -3.10 -14.33 -12.96
CA PRO A 77 -2.58 -14.08 -11.60
C PRO A 77 -1.15 -13.57 -11.60
N THR A 78 -0.38 -13.88 -12.65
CA THR A 78 0.98 -13.40 -12.75
C THR A 78 1.02 -11.94 -13.15
N ALA A 79 0.26 -11.57 -14.19
CA ALA A 79 0.10 -10.16 -14.53
C ALA A 79 -0.45 -9.39 -13.34
N LEU A 80 -1.36 -10.00 -12.58
CA LEU A 80 -1.92 -9.37 -11.40
C LEU A 80 -0.83 -9.07 -10.37
N TYR A 81 0.12 -9.98 -10.19
CA TYR A 81 1.19 -9.73 -9.23
C TYR A 81 2.15 -8.66 -9.74
N ASP A 82 2.51 -8.72 -11.02
CA ASP A 82 3.46 -7.76 -11.57
C ASP A 82 2.90 -6.35 -11.59
N ALA A 83 1.59 -6.20 -11.79
CA ALA A 83 0.97 -4.89 -11.87
C ALA A 83 0.47 -4.38 -10.53
N ALA A 84 0.57 -5.20 -9.48
CA ALA A 84 0.15 -4.76 -8.15
C ALA A 84 0.96 -3.55 -7.70
N MET A 85 0.32 -2.69 -6.90
CA MET A 85 1.03 -1.56 -6.32
C MET A 85 2.06 -2.02 -5.29
N ILE A 86 1.73 -3.03 -4.50
CA ILE A 86 2.56 -3.51 -3.40
C ILE A 86 2.79 -5.01 -3.59
N SER A 87 4.04 -5.44 -3.49
CA SER A 87 4.36 -6.84 -3.71
C SER A 87 4.12 -7.69 -2.46
N SER A 88 2.94 -7.55 -1.85
CA SER A 88 2.59 -8.41 -0.73
C SER A 88 2.20 -9.80 -1.22
N GLY A 89 2.22 -10.76 -0.30
CA GLY A 89 1.95 -12.15 -0.62
C GLY A 89 0.50 -12.54 -0.42
N SER A 90 0.27 -13.85 -0.28
CA SER A 90 -1.06 -14.41 -0.02
C SER A 90 -2.06 -14.03 -1.10
N MET A 91 -1.59 -13.97 -2.35
CA MET A 91 -2.45 -13.55 -3.46
C MET A 91 -3.56 -14.56 -3.74
N THR A 92 -3.26 -15.86 -3.59
CA THR A 92 -4.28 -16.87 -3.81
C THR A 92 -5.43 -16.74 -2.81
N ASN A 93 -5.09 -16.48 -1.55
CA ASN A 93 -6.12 -16.36 -0.52
C ASN A 93 -6.90 -15.05 -0.65
N ARG A 94 -6.31 -14.02 -1.24
CA ARG A 94 -7.04 -12.78 -1.48
C ARG A 94 -8.03 -12.94 -2.63
N ILE A 95 -7.62 -13.64 -3.69
CA ILE A 95 -8.55 -13.88 -4.80
C ILE A 95 -9.71 -14.76 -4.34
N ASP A 96 -9.41 -15.77 -3.51
CA ASP A 96 -10.48 -16.59 -2.93
C ASP A 96 -11.47 -15.73 -2.17
N ARG A 97 -10.96 -14.89 -1.25
CA ARG A 97 -11.83 -14.04 -0.44
C ARG A 97 -12.69 -13.15 -1.31
N LEU A 98 -12.08 -12.48 -2.30
CA LEU A 98 -12.80 -11.59 -3.18
C LEU A 98 -13.82 -12.33 -4.05
N GLU A 99 -13.54 -13.60 -4.38
CA GLU A 99 -14.50 -14.37 -5.17
C GLU A 99 -15.72 -14.74 -4.34
N LYS A 100 -15.52 -15.09 -3.06
CA LYS A 100 -16.65 -15.40 -2.20
C LYS A 100 -17.52 -14.17 -1.96
N ALA A 101 -16.92 -12.97 -1.97
CA ALA A 101 -17.65 -11.73 -1.80
C ALA A 101 -18.37 -11.29 -3.07
N GLY A 102 -18.08 -11.91 -4.20
CA GLY A 102 -18.74 -11.56 -5.45
C GLY A 102 -18.09 -10.43 -6.21
N TRP A 103 -16.84 -10.10 -5.92
CA TRP A 103 -16.17 -8.98 -6.56
C TRP A 103 -15.21 -9.39 -7.66
N VAL A 104 -14.72 -10.63 -7.68
CA VAL A 104 -13.92 -11.16 -8.78
C VAL A 104 -14.48 -12.50 -9.19
N GLU A 105 -14.16 -12.90 -10.41
CA GLU A 105 -14.44 -14.24 -10.91
C GLU A 105 -13.23 -14.73 -11.69
N ARG A 106 -13.21 -16.02 -12.00
CA ARG A 106 -12.09 -16.68 -12.65
C ARG A 106 -12.53 -17.21 -14.01
N ARG A 107 -12.19 -16.48 -15.08
CA ARG A 107 -12.40 -16.92 -16.44
C ARG A 107 -11.11 -17.57 -16.96
N ALA A 108 -11.05 -17.83 -18.26
CA ALA A 108 -9.87 -18.46 -18.84
C ALA A 108 -9.59 -17.94 -20.25
N THR A 116 -6.10 -19.02 -17.69
CA THR A 116 -6.60 -18.58 -16.40
C THR A 116 -6.52 -17.06 -16.23
N LEU A 117 -7.66 -16.45 -15.95
CA LEU A 117 -7.75 -15.01 -15.75
C LEU A 117 -8.57 -14.74 -14.49
N VAL A 118 -8.23 -13.64 -13.81
CA VAL A 118 -9.03 -13.11 -12.72
C VAL A 118 -9.69 -11.84 -13.23
N ALA A 119 -11.01 -11.74 -13.06
CA ALA A 119 -11.78 -10.66 -13.65
C ALA A 119 -12.70 -10.01 -12.63
N LEU A 120 -12.71 -8.68 -12.61
CA LEU A 120 -13.71 -7.94 -11.85
C LEU A 120 -15.11 -8.35 -12.28
N THR A 121 -15.98 -8.59 -11.30
CA THR A 121 -17.39 -8.65 -11.60
C THR A 121 -17.94 -7.24 -11.77
N SER A 122 -19.21 -7.14 -12.17
CA SER A 122 -19.84 -5.82 -12.25
C SER A 122 -19.90 -5.17 -10.88
N ALA A 123 -20.29 -5.94 -9.86
CA ALA A 123 -20.29 -5.42 -8.50
C ALA A 123 -18.89 -5.05 -8.04
N GLY A 124 -17.89 -5.84 -8.44
CA GLY A 124 -16.53 -5.49 -8.11
C GLY A 124 -16.05 -4.24 -8.81
N ARG A 125 -16.39 -4.09 -10.09
CA ARG A 125 -15.99 -2.88 -10.81
C ARG A 125 -16.62 -1.63 -10.16
N ALA A 126 -17.91 -1.69 -9.86
CA ALA A 126 -18.57 -0.55 -9.22
C ALA A 126 -17.96 -0.25 -7.86
N LEU A 127 -17.64 -1.29 -7.09
CA LEU A 127 -17.05 -1.08 -5.76
C LEU A 127 -15.73 -0.32 -5.87
N ILE A 128 -14.85 -0.77 -6.76
CA ILE A 128 -13.53 -0.13 -6.84
C ILE A 128 -13.64 1.25 -7.48
N ASP A 129 -14.58 1.44 -8.41
CA ASP A 129 -14.78 2.77 -8.98
C ASP A 129 -15.19 3.77 -7.89
N ASP A 130 -15.98 3.31 -6.92
CA ASP A 130 -16.37 4.16 -5.81
C ASP A 130 -15.23 4.31 -4.81
N ALA A 131 -14.56 3.20 -4.48
CA ALA A 131 -13.56 3.23 -3.42
C ALA A 131 -12.36 4.08 -3.80
N VAL A 132 -11.93 4.02 -5.06
CA VAL A 132 -10.70 4.69 -5.45
C VAL A 132 -10.84 6.20 -5.32
N VAL A 133 -12.04 6.74 -5.57
CA VAL A 133 -12.25 8.17 -5.36
C VAL A 133 -12.04 8.52 -3.89
N ALA A 134 -12.69 7.78 -2.98
CA ALA A 134 -12.51 8.07 -1.56
C ALA A 134 -11.08 7.79 -1.13
N HIS A 135 -10.41 6.84 -1.79
CA HIS A 135 -9.04 6.50 -1.45
C HIS A 135 -8.10 7.68 -1.72
N VAL A 136 -8.15 8.24 -2.92
CA VAL A 136 -7.20 9.30 -3.27
C VAL A 136 -7.48 10.56 -2.46
N ASP A 137 -8.76 10.84 -2.19
CA ASP A 137 -9.07 11.95 -1.29
C ASP A 137 -8.50 11.69 0.10
N ASN A 138 -8.59 10.44 0.58
CA ASN A 138 -8.01 10.10 1.86
C ASN A 138 -6.49 10.25 1.83
N GLN A 139 -5.87 9.89 0.71
CA GLN A 139 -4.41 9.97 0.60
C GLN A 139 -3.92 11.41 0.67
N ARG A 140 -4.58 12.33 -0.04
CA ARG A 140 -4.15 13.72 -0.02
C ARG A 140 -4.17 14.28 1.40
N ARG A 141 -5.16 13.89 2.19
CA ARG A 141 -5.22 14.32 3.58
C ARG A 141 -4.10 13.69 4.41
N VAL A 142 -3.67 12.47 4.06
CA VAL A 142 -2.53 11.86 4.73
C VAL A 142 -1.27 12.67 4.47
N LEU A 143 -1.12 13.19 3.25
CA LEU A 143 0.07 13.93 2.84
C LEU A 143 -0.09 15.44 2.94
N SER A 144 -1.17 15.92 3.56
CA SER A 144 -1.45 17.36 3.55
C SER A 144 -0.38 18.16 4.30
N ALA A 145 0.30 17.52 5.26
CA ALA A 145 1.35 18.20 6.01
C ALA A 145 2.60 18.44 5.17
N LEU A 146 2.74 17.78 4.03
CA LEU A 146 3.87 17.99 3.14
C LEU A 146 3.45 18.87 1.97
N SER A 147 4.32 19.80 1.60
CA SER A 147 4.08 20.61 0.43
C SER A 147 4.17 19.75 -0.84
N ALA A 148 3.65 20.30 -1.94
CA ALA A 148 3.73 19.59 -3.21
C ALA A 148 5.18 19.27 -3.56
N ALA A 149 6.11 20.20 -3.27
CA ALA A 149 7.51 19.94 -3.53
C ALA A 149 8.08 18.92 -2.55
N GLU A 150 7.66 18.98 -1.28
CA GLU A 150 8.11 17.99 -0.32
C GLU A 150 7.63 16.59 -0.69
N GLN A 151 6.40 16.47 -1.17
CA GLN A 151 5.90 15.17 -1.62
C GLN A 151 6.70 14.65 -2.80
N ARG A 152 7.01 15.53 -3.77
CA ARG A 152 7.76 15.10 -4.93
C ARG A 152 9.19 14.72 -4.56
N GLN A 153 9.81 15.48 -3.67
CA GLN A 153 11.15 15.13 -3.19
C GLN A 153 11.13 13.83 -2.41
N LEU A 154 10.07 13.60 -1.64
CA LEU A 154 9.95 12.34 -0.90
C LEU A 154 9.72 11.16 -1.84
N ALA A 155 9.01 11.38 -2.95
CA ALA A 155 8.85 10.32 -3.93
C ALA A 155 10.15 10.02 -4.65
N LYS A 156 11.00 11.03 -4.86
CA LYS A 156 12.28 10.80 -5.50
C LYS A 156 13.21 9.99 -4.59
N LEU A 157 13.32 10.39 -3.32
CA LEU A 157 14.19 9.69 -2.40
C LEU A 157 13.75 8.24 -2.20
N LEU A 158 12.44 8.01 -2.08
CA LEU A 158 11.95 6.64 -1.92
C LEU A 158 12.22 5.79 -3.14
N ASP A 159 12.18 6.38 -4.34
CA ASP A 159 12.51 5.63 -5.54
C ASP A 159 13.98 5.22 -5.54
N LYS A 160 14.87 6.17 -5.21
CA LYS A 160 16.29 5.87 -5.14
C LYS A 160 16.58 4.79 -4.11
N LEU A 161 15.94 4.88 -2.94
CA LEU A 161 16.11 3.84 -1.93
C LEU A 161 15.57 2.50 -2.43
N LEU A 162 14.44 2.53 -3.13
CA LEU A 162 13.80 1.29 -3.57
C LEU A 162 14.55 0.65 -4.72
N GLN A 163 15.10 1.47 -5.63
CA GLN A 163 15.91 0.92 -6.71
C GLN A 163 17.17 0.27 -6.16
N GLY A 164 17.75 0.83 -5.11
CA GLY A 164 18.94 0.30 -4.48
C GLY A 164 18.77 -1.05 -3.81
N GLN A 165 17.57 -1.62 -3.79
CA GLN A 165 17.34 -2.92 -3.14
C GLN A 165 17.41 -4.05 -4.16
N1 URC B . -3.25 2.72 -6.23
C2 URC B . -3.51 1.58 -6.96
C6 URC B . -2.99 2.76 -4.86
N3 URC B . -3.51 0.38 -6.31
O11 URC B . -3.74 1.64 -8.16
C4 URC B . -3.25 0.31 -4.98
C5 URC B . -2.99 1.48 -4.25
N9 URC B . -3.19 -0.74 -4.12
O13 URC B . -2.75 3.84 -4.30
N7 URC B . -2.77 1.09 -2.95
C8 URC B . -2.89 -0.27 -2.87
O24 URC B . -2.76 -0.95 -1.84
#